data_9EDX
#
_entry.id   9EDX
#
_cell.length_a   91.710
_cell.length_b   91.710
_cell.length_c   118.950
_cell.angle_alpha   90.000
_cell.angle_beta   90.000
_cell.angle_gamma   120.000
#
_symmetry.space_group_name_H-M   'H 3'
#
loop_
_entity.id
_entity.type
_entity.pdbx_description
1 polymer 'non-specific serine/threonine protein kinase'
2 non-polymer 2-(4-fluorophenyl)-3-(pyridin-4-yl)pyrazolo[1,5-a]pyridine-6-carbonitrile
3 non-polymer 'CHLORIDE ION'
4 water water
#
_entity_poly.entity_id   1
_entity_poly.type   'polypeptide(L)'
_entity_poly.pdbx_seq_one_letter_code
;SSVVGLHYKIGKKIGEGSFGVIFEGTNIINGVPVAIKFEPRKTEAPQLRDEYRTYKHLQGCDGIPNAYYFGQEGLHNILV
IDLLGPSLEDLFDWCGRRFSVKTVVQVAIQMLTLVEEVHRHDLIYRDIKPDNFLIGRRGATDENNVHLIDFGMAKQYRDP
RTKQHIPYREKKSLSGTARYMSINTHLGREQSRRDDLEALGHVFFYFLRGQLPWQGLKAPTNKQKYEKIGDKKRTTPAVT
LCDGLPQQFAEYLDSVRSLPFDAEPPYEEYRMLLLSVLDDLGQACDGDMDWMHLNGGRGWDATINKKPN
;
_entity_poly.pdbx_strand_id   A
#
# COMPACT_ATOMS: atom_id res chain seq x y z
N SER A 1 -29.01 17.02 3.94
CA SER A 1 -28.23 18.11 3.36
C SER A 1 -27.11 17.57 2.49
N SER A 2 -26.68 18.36 1.50
CA SER A 2 -25.67 17.91 0.55
C SER A 2 -24.25 18.17 1.01
N VAL A 3 -24.06 19.00 2.03
CA VAL A 3 -22.73 19.40 2.50
C VAL A 3 -22.47 18.75 3.85
N VAL A 4 -21.29 18.13 3.99
CA VAL A 4 -20.84 17.60 5.26
C VAL A 4 -19.57 18.35 5.66
N GLY A 5 -19.34 18.43 6.97
CA GLY A 5 -18.15 19.11 7.48
C GLY A 5 -18.07 20.58 7.13
N LEU A 6 -19.21 21.24 6.99
CA LEU A 6 -19.30 22.68 6.71
C LEU A 6 -18.86 23.05 5.30
N HIS A 7 -17.77 22.45 4.80
CA HIS A 7 -17.14 22.94 3.58
C HIS A 7 -17.02 21.89 2.49
N TYR A 8 -17.64 20.73 2.62
CA TYR A 8 -17.39 19.62 1.70
C TYR A 8 -18.73 19.08 1.19
N LYS A 9 -18.95 19.22 -0.11
CA LYS A 9 -20.16 18.72 -0.75
C LYS A 9 -19.90 17.32 -1.31
N ILE A 10 -20.88 16.43 -1.12
CA ILE A 10 -20.77 15.05 -1.56
C ILE A 10 -20.76 14.99 -3.07
N GLY A 11 -20.46 13.81 -3.61
CA GLY A 11 -20.43 13.61 -5.05
C GLY A 11 -20.63 12.17 -5.44
N LYS A 12 -19.91 11.73 -6.47
CA LYS A 12 -20.02 10.35 -6.94
C LYS A 12 -19.47 9.40 -5.89
N LYS A 13 -20.11 8.23 -5.78
CA LYS A 13 -19.63 7.18 -4.88
C LYS A 13 -18.54 6.38 -5.56
N ILE A 14 -17.39 6.26 -4.90
CA ILE A 14 -16.25 5.52 -5.43
C ILE A 14 -16.00 4.22 -4.68
N GLY A 15 -16.83 3.88 -3.71
CA GLY A 15 -16.63 2.65 -2.97
C GLY A 15 -17.67 2.49 -1.88
N GLU A 16 -17.89 1.25 -1.48
CA GLU A 16 -18.82 0.90 -0.42
C GLU A 16 -18.59 -0.55 0.01
N GLY A 17 -17.50 -0.80 0.72
CA GLY A 17 -17.16 -2.16 1.09
C GLY A 17 -16.34 -2.32 2.36
N SER A 18 -15.11 -2.82 2.21
CA SER A 18 -14.30 -3.22 3.36
C SER A 18 -13.93 -2.05 4.26
N PHE A 19 -14.07 -0.81 3.80
CA PHE A 19 -13.66 0.35 4.59
C PHE A 19 -14.76 1.40 4.68
N GLY A 20 -16.01 1.03 4.40
CA GLY A 20 -17.14 1.93 4.52
C GLY A 20 -17.56 2.52 3.19
N VAL A 21 -18.51 3.45 3.29
CA VAL A 21 -19.02 4.15 2.12
C VAL A 21 -18.09 5.31 1.78
N ILE A 22 -17.53 5.29 0.57
CA ILE A 22 -16.57 6.30 0.14
C ILE A 22 -17.15 7.04 -1.05
N PHE A 23 -17.12 8.37 -1.00
CA PHE A 23 -17.64 9.24 -2.04
C PHE A 23 -16.53 10.13 -2.59
N GLU A 24 -16.81 10.74 -3.74
CA GLU A 24 -16.05 11.88 -4.21
C GLU A 24 -16.64 13.15 -3.61
N GLY A 25 -15.79 14.16 -3.46
CA GLY A 25 -16.23 15.40 -2.85
C GLY A 25 -15.52 16.59 -3.43
N THR A 26 -16.03 17.77 -3.08
CA THR A 26 -15.47 19.04 -3.54
C THR A 26 -15.53 20.03 -2.40
N ASN A 27 -14.38 20.60 -2.05
CA ASN A 27 -14.33 21.69 -1.08
C ASN A 27 -15.08 22.89 -1.62
N ILE A 28 -16.09 23.37 -0.88
CA ILE A 28 -16.97 24.42 -1.38
C ILE A 28 -16.36 25.81 -1.25
N ILE A 29 -15.20 25.92 -0.61
CA ILE A 29 -14.49 27.20 -0.53
C ILE A 29 -13.58 27.40 -1.74
N ASN A 30 -12.81 26.37 -2.11
CA ASN A 30 -11.82 26.51 -3.18
C ASN A 30 -12.03 25.58 -4.36
N GLY A 31 -12.94 24.61 -4.28
CA GLY A 31 -13.19 23.71 -5.38
C GLY A 31 -12.29 22.48 -5.43
N VAL A 32 -11.31 22.38 -4.55
CA VAL A 32 -10.37 21.24 -4.60
C VAL A 32 -11.13 19.95 -4.27
N PRO A 33 -10.97 18.89 -5.06
CA PRO A 33 -11.69 17.66 -4.78
C PRO A 33 -11.16 16.97 -3.53
N VAL A 34 -12.05 16.20 -2.89
CA VAL A 34 -11.72 15.48 -1.67
C VAL A 34 -12.35 14.09 -1.77
N ALA A 35 -11.90 13.21 -0.88
CA ALA A 35 -12.49 11.89 -0.69
C ALA A 35 -13.20 11.88 0.66
N ILE A 36 -14.47 11.49 0.66
CA ILE A 36 -15.30 11.49 1.87
C ILE A 36 -15.61 10.05 2.24
N LYS A 37 -15.19 9.65 3.43
CA LYS A 37 -15.45 8.30 3.94
C LYS A 37 -16.58 8.34 4.97
N PHE A 38 -17.57 7.49 4.78
CA PHE A 38 -18.69 7.36 5.70
C PHE A 38 -18.56 6.05 6.48
N GLU A 39 -18.70 6.14 7.80
CA GLU A 39 -18.66 4.97 8.66
C GLU A 39 -19.80 5.12 9.66
N PRO A 40 -20.59 4.06 9.91
CA PRO A 40 -21.74 4.20 10.82
C PRO A 40 -21.28 4.54 12.23
N ARG A 41 -22.24 4.98 13.06
CA ARG A 41 -21.89 5.45 14.40
C ARG A 41 -21.61 4.27 15.33
N LYS A 42 -22.61 3.44 15.62
CA LYS A 42 -22.41 2.25 16.45
C LYS A 42 -22.06 1.08 15.53
N THR A 43 -20.78 0.72 15.51
CA THR A 43 -20.30 -0.40 14.73
C THR A 43 -19.51 -1.34 15.63
N GLU A 44 -19.31 -2.56 15.12
CA GLU A 44 -18.53 -3.55 15.84
C GLU A 44 -17.05 -3.17 15.88
N ALA A 45 -16.55 -2.50 14.85
CA ALA A 45 -15.13 -2.14 14.75
C ALA A 45 -15.00 -0.65 14.43
N PRO A 46 -14.66 0.18 15.42
CA PRO A 46 -14.41 1.60 15.14
C PRO A 46 -12.96 1.89 14.75
N GLN A 47 -12.71 2.09 13.45
CA GLN A 47 -11.36 2.28 12.95
C GLN A 47 -11.12 3.64 12.28
N LEU A 48 -12.14 4.49 12.21
CA LEU A 48 -12.00 5.76 11.49
C LEU A 48 -11.27 6.80 12.34
N ARG A 49 -11.74 7.02 13.56
CA ARG A 49 -11.18 8.05 14.41
C ARG A 49 -9.68 7.88 14.59
N ASP A 50 -9.20 6.63 14.65
CA ASP A 50 -7.76 6.39 14.75
C ASP A 50 -7.07 6.62 13.41
N GLU A 51 -7.78 6.44 12.31
CA GLU A 51 -7.18 6.71 11.00
C GLU A 51 -6.98 8.20 10.79
N TYR A 52 -7.97 9.01 11.16
CA TYR A 52 -7.81 10.46 11.09
C TYR A 52 -6.58 10.91 11.87
N ARG A 53 -6.37 10.33 13.06
CA ARG A 53 -5.18 10.66 13.83
C ARG A 53 -3.91 10.21 13.13
N THR A 54 -3.95 9.08 12.42
CA THR A 54 -2.77 8.61 11.71
C THR A 54 -2.38 9.55 10.59
N TYR A 55 -3.37 10.06 9.84
CA TYR A 55 -3.07 11.06 8.82
C TYR A 55 -2.55 12.35 9.43
N LYS A 56 -3.03 12.72 10.62
CA LYS A 56 -2.53 13.92 11.28
C LYS A 56 -1.09 13.74 11.75
N HIS A 57 -0.75 12.55 12.24
CA HIS A 57 0.64 12.30 12.63
C HIS A 57 1.56 12.33 11.42
N LEU A 58 1.17 11.64 10.35
CA LEU A 58 1.93 11.62 9.11
C LEU A 58 1.70 12.85 8.24
N GLN A 59 1.14 13.90 8.82
CA GLN A 59 0.85 15.12 8.06
C GLN A 59 2.15 15.76 7.58
N GLY A 60 2.13 16.27 6.35
CA GLY A 60 3.29 16.87 5.75
C GLY A 60 4.21 15.93 5.02
N CYS A 61 4.12 14.62 5.29
CA CYS A 61 4.94 13.65 4.60
C CYS A 61 4.47 13.52 3.15
N ASP A 62 5.42 13.52 2.22
CA ASP A 62 5.09 13.38 0.81
C ASP A 62 4.59 11.97 0.53
N GLY A 63 3.50 11.88 -0.22
CA GLY A 63 2.85 10.61 -0.50
C GLY A 63 1.70 10.28 0.42
N ILE A 64 1.57 10.97 1.54
CA ILE A 64 0.48 10.76 2.49
C ILE A 64 -0.52 11.89 2.29
N PRO A 65 -1.80 11.59 2.04
CA PRO A 65 -2.76 12.66 1.80
C PRO A 65 -3.08 13.43 3.07
N ASN A 66 -3.37 14.71 2.90
CA ASN A 66 -3.70 15.57 4.04
C ASN A 66 -5.09 15.24 4.57
N ALA A 67 -5.21 15.21 5.90
CA ALA A 67 -6.50 15.07 6.55
C ALA A 67 -7.09 16.45 6.81
N TYR A 68 -8.35 16.65 6.39
CA TYR A 68 -8.99 17.95 6.49
C TYR A 68 -10.10 18.02 7.53
N TYR A 69 -10.78 16.92 7.83
CA TYR A 69 -11.95 17.01 8.72
C TYR A 69 -12.31 15.63 9.27
N PHE A 70 -12.74 15.61 10.53
CA PHE A 70 -13.34 14.44 11.14
C PHE A 70 -14.54 14.89 11.94
N GLY A 71 -15.70 14.28 11.66
CA GLY A 71 -16.95 14.74 12.22
C GLY A 71 -17.86 13.59 12.63
N GLN A 72 -19.06 13.96 13.09
CA GLN A 72 -20.02 13.04 13.67
C GLN A 72 -21.42 13.27 13.14
N GLU A 73 -21.53 13.82 11.93
CA GLU A 73 -22.83 14.22 11.39
C GLU A 73 -23.76 13.03 11.27
N GLY A 74 -24.89 13.09 11.97
CA GLY A 74 -25.87 12.03 11.92
C GLY A 74 -25.36 10.75 12.56
N LEU A 75 -25.82 9.62 12.03
CA LEU A 75 -25.37 8.30 12.48
C LEU A 75 -24.12 7.83 11.75
N HIS A 76 -23.34 8.76 11.18
CA HIS A 76 -22.14 8.43 10.43
C HIS A 76 -20.96 9.25 10.93
N ASN A 77 -19.78 8.62 10.95
CA ASN A 77 -18.52 9.31 11.14
C ASN A 77 -17.89 9.60 9.78
N ILE A 78 -17.35 10.80 9.64
CA ILE A 78 -16.91 11.31 8.35
C ILE A 78 -15.43 11.67 8.42
N LEU A 79 -14.69 11.28 7.39
CA LEU A 79 -13.28 11.66 7.22
C LEU A 79 -13.10 12.24 5.83
N VAL A 80 -12.50 13.42 5.74
CA VAL A 80 -12.26 14.11 4.48
C VAL A 80 -10.75 14.27 4.30
N ILE A 81 -10.22 13.70 3.21
CA ILE A 81 -8.82 13.84 2.84
C ILE A 81 -8.76 14.08 1.33
N ASP A 82 -7.53 14.22 0.82
CA ASP A 82 -7.33 14.46 -0.61
C ASP A 82 -7.89 13.31 -1.42
N LEU A 83 -8.41 13.65 -2.61
CA LEU A 83 -8.84 12.66 -3.58
C LEU A 83 -7.67 12.33 -4.51
N LEU A 84 -7.34 11.05 -4.59
CA LEU A 84 -6.21 10.57 -5.38
C LEU A 84 -6.71 9.77 -6.57
N GLY A 85 -5.76 9.31 -7.39
CA GLY A 85 -6.06 8.56 -8.58
C GLY A 85 -6.18 7.06 -8.33
N PRO A 86 -6.04 6.27 -9.39
CA PRO A 86 -6.22 4.82 -9.27
C PRO A 86 -5.10 4.17 -8.46
N SER A 87 -5.40 2.97 -7.96
CA SER A 87 -4.41 2.21 -7.22
C SER A 87 -3.43 1.55 -8.17
N LEU A 88 -2.31 1.09 -7.63
CA LEU A 88 -1.37 0.32 -8.43
C LEU A 88 -2.01 -0.95 -8.97
N GLU A 89 -2.93 -1.55 -8.21
CA GLU A 89 -3.67 -2.70 -8.73
C GLU A 89 -4.52 -2.30 -9.93
N ASP A 90 -5.12 -1.11 -9.90
CA ASP A 90 -5.93 -0.65 -11.04
C ASP A 90 -5.05 -0.46 -12.28
N LEU A 91 -3.93 0.24 -12.11
CA LEU A 91 -3.02 0.44 -13.23
C LEU A 91 -2.42 -0.88 -13.70
N PHE A 92 -2.27 -1.83 -12.77
CA PHE A 92 -1.77 -3.15 -13.12
C PHE A 92 -2.70 -3.87 -14.09
N ASP A 93 -4.00 -3.89 -13.79
CA ASP A 93 -4.97 -4.54 -14.68
C ASP A 93 -5.01 -3.87 -16.04
N TRP A 94 -4.86 -2.54 -16.08
CA TRP A 94 -4.99 -1.82 -17.34
C TRP A 94 -3.79 -2.02 -18.25
N CYS A 95 -2.63 -2.31 -17.66
CA CYS A 95 -1.41 -2.57 -18.40
C CYS A 95 -1.23 -4.05 -18.72
N GLY A 96 -2.29 -4.85 -18.60
CA GLY A 96 -2.21 -6.25 -18.93
C GLY A 96 -1.72 -7.16 -17.82
N ARG A 97 -1.86 -6.72 -16.56
CA ARG A 97 -1.40 -7.49 -15.39
C ARG A 97 0.08 -7.84 -15.53
N ARG A 98 0.88 -6.85 -15.92
CA ARG A 98 2.33 -6.96 -15.92
C ARG A 98 2.95 -5.57 -16.02
N PHE A 99 3.88 -5.25 -15.13
CA PHE A 99 4.65 -4.01 -15.22
C PHE A 99 6.04 -4.32 -15.74
N SER A 100 6.59 -3.41 -16.53
CA SER A 100 7.95 -3.54 -17.00
C SER A 100 8.92 -3.45 -15.84
N VAL A 101 10.15 -3.91 -16.08
CA VAL A 101 11.17 -3.88 -15.04
C VAL A 101 11.42 -2.43 -14.60
N LYS A 102 11.45 -1.51 -15.56
CA LYS A 102 11.70 -0.10 -15.24
C LYS A 102 10.57 0.47 -14.37
N THR A 103 9.32 0.16 -14.70
CA THR A 103 8.21 0.62 -13.88
C THR A 103 8.27 0.03 -12.48
N VAL A 104 8.59 -1.27 -12.36
CA VAL A 104 8.63 -1.89 -11.04
C VAL A 104 9.71 -1.25 -10.18
N VAL A 105 10.89 -1.02 -10.76
CA VAL A 105 11.98 -0.43 -9.99
C VAL A 105 11.60 0.97 -9.50
N GLN A 106 11.10 1.80 -10.40
CA GLN A 106 10.80 3.19 -10.03
C GLN A 106 9.65 3.26 -9.03
N VAL A 107 8.66 2.39 -9.19
CA VAL A 107 7.57 2.29 -8.22
C VAL A 107 8.08 1.71 -6.90
N ALA A 108 9.01 0.75 -6.96
CA ALA A 108 9.48 0.11 -5.73
C ALA A 108 10.22 1.10 -4.83
N ILE A 109 11.03 1.99 -5.41
CA ILE A 109 11.79 2.90 -4.58
C ILE A 109 10.90 3.97 -3.95
N GLN A 110 9.78 4.32 -4.61
CA GLN A 110 8.82 5.20 -3.96
C GLN A 110 8.04 4.47 -2.88
N MET A 111 7.68 3.21 -3.11
CA MET A 111 7.00 2.44 -2.07
C MET A 111 7.90 2.26 -0.85
N LEU A 112 9.20 2.01 -1.08
CA LEU A 112 10.13 1.87 0.03
C LEU A 112 10.29 3.18 0.80
N THR A 113 10.28 4.30 0.08
CA THR A 113 10.35 5.61 0.75
C THR A 113 9.07 5.87 1.56
N LEU A 114 7.91 5.53 1.00
CA LEU A 114 6.66 5.72 1.74
C LEU A 114 6.67 4.91 3.03
N VAL A 115 6.97 3.61 2.93
CA VAL A 115 6.95 2.73 4.09
C VAL A 115 7.98 3.18 5.11
N GLU A 116 9.16 3.60 4.65
CA GLU A 116 10.18 4.11 5.56
C GLU A 116 9.65 5.30 6.36
N GLU A 117 9.06 6.29 5.68
CA GLU A 117 8.55 7.46 6.36
C GLU A 117 7.47 7.10 7.38
N VAL A 118 6.69 6.05 7.09
CA VAL A 118 5.75 5.56 8.10
C VAL A 118 6.50 5.00 9.30
N HIS A 119 7.58 4.26 9.05
CA HIS A 119 8.38 3.71 10.15
C HIS A 119 9.07 4.80 10.95
N ARG A 120 9.48 5.90 10.29
CA ARG A 120 10.07 7.01 11.04
C ARG A 120 9.09 7.59 12.04
N HIS A 121 7.79 7.50 11.75
CA HIS A 121 6.75 7.99 12.65
C HIS A 121 6.25 6.90 13.60
N ASP A 122 7.07 5.90 13.89
CA ASP A 122 6.84 4.90 14.92
C ASP A 122 5.68 3.97 14.60
N LEU A 123 5.32 3.81 13.33
CA LEU A 123 4.20 2.98 12.92
C LEU A 123 4.64 1.94 11.91
N ILE A 124 3.97 0.78 11.94
CA ILE A 124 4.08 -0.23 10.89
C ILE A 124 2.73 -0.32 10.19
N TYR A 125 2.78 -0.63 8.89
CA TYR A 125 1.59 -0.55 8.06
C TYR A 125 0.74 -1.81 8.20
N ARG A 126 1.35 -2.98 8.03
CA ARG A 126 0.74 -4.28 8.26
C ARG A 126 -0.38 -4.61 7.29
N ASP A 127 -0.54 -3.83 6.22
CA ASP A 127 -1.57 -4.11 5.22
C ASP A 127 -1.05 -3.78 3.83
N ILE A 128 0.22 -4.12 3.57
CA ILE A 128 0.84 -3.81 2.29
C ILE A 128 0.12 -4.56 1.18
N LYS A 129 -0.34 -3.82 0.17
CA LYS A 129 -1.02 -4.38 -0.98
C LYS A 129 -1.05 -3.32 -2.07
N PRO A 130 -1.01 -3.72 -3.35
CA PRO A 130 -1.04 -2.72 -4.41
C PRO A 130 -2.33 -1.91 -4.44
N ASP A 131 -3.40 -2.43 -3.84
CA ASP A 131 -4.68 -1.72 -3.83
C ASP A 131 -4.63 -0.46 -2.98
N ASN A 132 -3.70 -0.36 -2.03
CA ASN A 132 -3.63 0.80 -1.15
C ASN A 132 -2.60 1.83 -1.59
N PHE A 133 -1.81 1.54 -2.64
CA PHE A 133 -0.87 2.50 -3.20
C PHE A 133 -1.52 3.14 -4.41
N LEU A 134 -1.75 4.46 -4.34
CA LEU A 134 -2.49 5.19 -5.35
C LEU A 134 -1.61 6.27 -5.97
N ILE A 135 -1.84 6.55 -7.24
CA ILE A 135 -1.18 7.68 -7.91
C ILE A 135 -2.05 8.91 -7.70
N GLY A 136 -1.61 10.05 -8.26
CA GLY A 136 -2.34 11.29 -8.14
C GLY A 136 -3.35 11.46 -9.27
N ARG A 137 -3.92 12.65 -9.33
CA ARG A 137 -4.88 12.99 -10.37
C ARG A 137 -4.19 13.72 -11.51
N ARG A 138 -4.90 13.87 -12.61
CA ARG A 138 -4.31 14.43 -13.83
C ARG A 138 -4.02 15.92 -13.66
N GLY A 139 -3.00 16.38 -14.37
CA GLY A 139 -2.56 17.76 -14.32
C GLY A 139 -1.87 18.16 -13.04
N ALA A 140 -1.89 17.33 -12.01
CA ALA A 140 -1.25 17.66 -10.76
C ALA A 140 0.25 17.43 -10.84
N THR A 141 0.98 18.07 -9.92
CA THR A 141 2.42 17.91 -9.86
C THR A 141 2.82 16.50 -9.43
N ASP A 142 1.94 15.79 -8.72
CA ASP A 142 2.18 14.41 -8.29
C ASP A 142 1.21 13.45 -8.98
N GLU A 143 1.00 13.66 -10.28
CA GLU A 143 0.03 12.85 -11.02
C GLU A 143 0.43 11.38 -11.02
N ASN A 144 1.69 11.09 -11.32
CA ASN A 144 2.17 9.72 -11.41
C ASN A 144 3.07 9.32 -10.25
N ASN A 145 3.08 10.12 -9.19
CA ASN A 145 3.80 9.75 -7.98
C ASN A 145 2.97 8.80 -7.13
N VAL A 146 3.65 7.94 -6.39
CA VAL A 146 2.96 6.94 -5.59
C VAL A 146 2.55 7.55 -4.26
N HIS A 147 1.35 7.21 -3.81
CA HIS A 147 0.83 7.63 -2.51
C HIS A 147 0.45 6.40 -1.69
N LEU A 148 0.24 6.61 -0.40
CA LEU A 148 -0.17 5.54 0.50
C LEU A 148 -1.40 6.00 1.29
N ILE A 149 -2.45 5.19 1.29
CA ILE A 149 -3.68 5.49 1.99
C ILE A 149 -4.08 4.29 2.85
N ASP A 150 -5.19 4.44 3.57
CA ASP A 150 -5.78 3.37 4.37
C ASP A 150 -4.83 2.88 5.46
N PHE A 151 -4.91 3.50 6.64
CA PHE A 151 -4.06 3.14 7.78
C PHE A 151 -4.88 2.54 8.91
N GLY A 152 -5.93 1.79 8.57
CA GLY A 152 -6.75 1.15 9.57
C GLY A 152 -6.12 -0.06 10.23
N MET A 153 -5.06 -0.61 9.64
CA MET A 153 -4.35 -1.75 10.20
C MET A 153 -3.00 -1.37 10.79
N ALA A 154 -2.69 -0.08 10.83
CA ALA A 154 -1.40 0.38 11.35
C ALA A 154 -1.37 0.26 12.87
N LYS A 155 -0.17 0.02 13.40
CA LYS A 155 0.02 -0.12 14.84
C LYS A 155 1.38 0.45 15.21
N GLN A 156 1.45 1.07 16.38
CA GLN A 156 2.70 1.60 16.89
C GLN A 156 3.63 0.45 17.27
N TYR A 157 4.83 0.44 16.72
CA TYR A 157 5.80 -0.62 16.99
C TYR A 157 6.92 -0.19 17.93
N ARG A 158 6.99 1.08 18.31
CA ARG A 158 8.02 1.55 19.22
C ARG A 158 7.53 2.82 19.91
N ASP A 159 8.02 3.04 21.12
CA ASP A 159 7.60 4.19 21.90
C ASP A 159 8.01 5.49 21.20
N PRO A 160 7.10 6.45 21.03
CA PRO A 160 7.45 7.68 20.30
C PRO A 160 8.47 8.54 21.02
N ARG A 161 8.84 8.19 22.25
CA ARG A 161 9.75 9.01 23.03
C ARG A 161 11.04 8.28 23.36
N THR A 162 10.95 7.03 23.86
CA THR A 162 12.13 6.24 24.21
C THR A 162 12.65 5.40 23.05
N LYS A 163 11.90 5.29 21.96
CA LYS A 163 12.31 4.51 20.77
C LYS A 163 12.57 3.04 21.12
N GLN A 164 11.82 2.51 22.08
CA GLN A 164 11.96 1.12 22.47
C GLN A 164 10.98 0.25 21.67
N HIS A 165 11.53 -0.77 21.00
CA HIS A 165 10.71 -1.64 20.17
C HIS A 165 9.75 -2.47 21.02
N ILE A 166 8.60 -2.79 20.43
CA ILE A 166 7.58 -3.58 21.10
C ILE A 166 8.14 -4.98 21.34
N PRO A 167 7.69 -5.69 22.36
CA PRO A 167 8.20 -7.05 22.59
C PRO A 167 7.72 -8.01 21.52
N TYR A 168 8.52 -9.04 21.29
CA TYR A 168 8.17 -10.09 20.34
C TYR A 168 7.19 -11.07 20.98
N ARG A 169 6.10 -11.35 20.28
CA ARG A 169 5.12 -12.34 20.72
C ARG A 169 4.66 -13.17 19.53
N GLU A 170 3.92 -14.22 19.82
CA GLU A 170 3.42 -15.13 18.79
C GLU A 170 1.94 -15.40 19.07
N LYS A 171 1.41 -16.45 18.45
CA LYS A 171 0.03 -16.89 18.66
C LYS A 171 -0.98 -15.80 18.32
N LYS A 172 -0.65 -14.93 17.38
CA LYS A 172 -1.54 -13.86 16.97
C LYS A 172 -2.41 -14.31 15.78
N SER A 173 -3.51 -13.60 15.60
CA SER A 173 -4.45 -13.94 14.54
C SER A 173 -3.94 -13.48 13.18
N LEU A 174 -4.15 -14.32 12.17
CA LEU A 174 -3.73 -14.01 10.81
C LEU A 174 -4.70 -12.98 10.22
N SER A 175 -4.28 -11.72 10.20
CA SER A 175 -5.07 -10.64 9.63
C SER A 175 -4.28 -9.97 8.53
N GLY A 176 -4.92 -9.78 7.38
CA GLY A 176 -4.31 -9.17 6.23
C GLY A 176 -4.69 -9.93 4.97
N THR A 177 -3.96 -9.65 3.90
CA THR A 177 -4.18 -10.34 2.63
C THR A 177 -3.09 -11.39 2.45
N ALA A 178 -3.52 -12.65 2.30
CA ALA A 178 -2.58 -13.76 2.29
C ALA A 178 -1.67 -13.76 1.06
N ARG A 179 -2.05 -13.07 -0.01
CA ARG A 179 -1.22 -13.10 -1.22
C ARG A 179 0.11 -12.41 -0.99
N TYR A 180 0.15 -11.37 -0.15
CA TYR A 180 1.35 -10.57 0.02
C TYR A 180 1.99 -10.67 1.41
N MET A 181 1.27 -11.14 2.42
CA MET A 181 1.75 -11.03 3.80
C MET A 181 3.04 -11.81 4.01
N SER A 182 3.83 -11.37 4.98
CA SER A 182 5.12 -11.99 5.25
C SER A 182 4.94 -13.41 5.78
N ILE A 183 6.02 -14.19 5.69
CA ILE A 183 6.02 -15.53 6.27
C ILE A 183 5.79 -15.47 7.77
N ASN A 184 6.38 -14.48 8.43
CA ASN A 184 6.19 -14.33 9.87
C ASN A 184 4.72 -14.09 10.22
N THR A 185 3.99 -13.40 9.34
CA THR A 185 2.57 -13.18 9.59
C THR A 185 1.79 -14.47 9.46
N HIS A 186 2.17 -15.33 8.51
CA HIS A 186 1.50 -16.63 8.38
C HIS A 186 1.69 -17.47 9.64
N LEU A 187 2.80 -17.29 10.36
CA LEU A 187 3.10 -18.04 11.56
C LEU A 187 2.55 -17.39 12.82
N GLY A 188 1.72 -16.36 12.69
CA GLY A 188 1.14 -15.71 13.85
C GLY A 188 2.10 -14.93 14.71
N ARG A 189 3.27 -14.58 14.17
CA ARG A 189 4.25 -13.82 14.93
C ARG A 189 3.93 -12.33 14.89
N GLU A 190 4.41 -11.61 15.90
CA GLU A 190 4.25 -10.16 15.92
C GLU A 190 4.97 -9.52 14.75
N GLN A 191 4.29 -8.61 14.06
CA GLN A 191 4.86 -7.94 12.90
C GLN A 191 5.71 -6.75 13.34
N SER A 192 6.72 -6.46 12.53
CA SER A 192 7.60 -5.32 12.76
C SER A 192 7.94 -4.72 11.41
N ARG A 193 8.98 -3.88 11.37
CA ARG A 193 9.33 -3.18 10.15
C ARG A 193 9.71 -4.14 9.03
N ARG A 194 10.34 -5.27 9.38
CA ARG A 194 10.78 -6.22 8.38
C ARG A 194 9.60 -6.80 7.60
N ASP A 195 8.43 -6.93 8.24
CA ASP A 195 7.30 -7.57 7.59
C ASP A 195 6.63 -6.65 6.57
N ASP A 196 6.67 -5.33 6.78
CA ASP A 196 6.18 -4.43 5.73
C ASP A 196 7.05 -4.53 4.49
N LEU A 197 8.37 -4.68 4.66
CA LEU A 197 9.28 -4.74 3.51
C LEU A 197 9.22 -6.09 2.80
N GLU A 198 9.03 -7.18 3.55
CA GLU A 198 8.87 -8.48 2.90
C GLU A 198 7.63 -8.50 2.03
N ALA A 199 6.53 -7.93 2.53
CA ALA A 199 5.31 -7.86 1.73
C ALA A 199 5.53 -7.04 0.47
N LEU A 200 6.25 -5.92 0.58
CA LEU A 200 6.64 -5.19 -0.63
C LEU A 200 7.40 -6.09 -1.60
N GLY A 201 8.32 -6.91 -1.09
CA GLY A 201 9.06 -7.82 -1.95
C GLY A 201 8.16 -8.78 -2.69
N HIS A 202 7.07 -9.22 -2.05
CA HIS A 202 6.10 -10.06 -2.73
C HIS A 202 5.37 -9.31 -3.83
N VAL A 203 4.99 -8.05 -3.56
CA VAL A 203 4.32 -7.24 -4.57
C VAL A 203 5.23 -7.00 -5.77
N PHE A 204 6.52 -6.78 -5.52
CA PHE A 204 7.45 -6.53 -6.62
C PHE A 204 7.50 -7.71 -7.57
N PHE A 205 7.58 -8.93 -7.03
CA PHE A 205 7.50 -10.11 -7.88
C PHE A 205 6.12 -10.27 -8.49
N TYR A 206 5.07 -9.85 -7.77
CA TYR A 206 3.72 -9.86 -8.32
C TYR A 206 3.64 -8.96 -9.55
N PHE A 207 4.17 -7.74 -9.46
CA PHE A 207 4.16 -6.84 -10.62
C PHE A 207 5.00 -7.41 -11.75
N LEU A 208 6.17 -7.97 -11.44
CA LEU A 208 7.09 -8.43 -12.48
C LEU A 208 6.55 -9.65 -13.20
N ARG A 209 6.03 -10.63 -12.45
CA ARG A 209 5.63 -11.89 -13.03
C ARG A 209 4.19 -11.92 -13.51
N GLY A 210 3.36 -11.00 -13.03
CA GLY A 210 1.95 -11.06 -13.30
C GLY A 210 1.17 -11.97 -12.37
N GLN A 211 1.86 -12.76 -11.54
CA GLN A 211 1.19 -13.66 -10.60
C GLN A 211 2.20 -14.09 -9.55
N LEU A 212 1.68 -14.68 -8.48
CA LEU A 212 2.54 -15.35 -7.53
C LEU A 212 2.24 -16.84 -7.52
N PRO A 213 3.24 -17.70 -7.32
CA PRO A 213 3.00 -19.14 -7.40
C PRO A 213 2.10 -19.68 -6.30
N TRP A 214 1.76 -18.87 -5.29
CA TRP A 214 0.82 -19.29 -4.26
C TRP A 214 -0.58 -18.71 -4.48
N GLN A 215 -0.85 -18.20 -5.68
CA GLN A 215 -2.19 -17.77 -6.04
C GLN A 215 -3.00 -18.96 -6.55
N GLY A 216 -4.32 -18.87 -6.38
CA GLY A 216 -5.20 -19.91 -6.87
C GLY A 216 -5.16 -21.21 -6.11
N LEU A 217 -4.65 -21.20 -4.88
CA LEU A 217 -4.61 -22.42 -4.09
C LEU A 217 -5.98 -22.72 -3.50
N LYS A 218 -6.29 -24.01 -3.38
CA LYS A 218 -7.54 -24.48 -2.84
C LYS A 218 -7.35 -25.07 -1.46
N ALA A 219 -8.41 -25.02 -0.64
CA ALA A 219 -8.44 -25.60 0.69
C ALA A 219 -9.87 -25.63 1.19
N PRO A 220 -10.22 -26.56 2.09
CA PRO A 220 -11.60 -26.60 2.61
C PRO A 220 -12.02 -25.32 3.31
N THR A 221 -11.14 -24.74 4.13
CA THR A 221 -11.45 -23.53 4.89
C THR A 221 -10.47 -22.42 4.51
N ASN A 222 -10.66 -21.26 5.14
CA ASN A 222 -9.75 -20.15 4.92
C ASN A 222 -8.46 -20.29 5.73
N LYS A 223 -8.55 -20.90 6.91
CA LYS A 223 -7.37 -21.12 7.73
C LYS A 223 -6.37 -22.03 7.03
N GLN A 224 -6.87 -23.14 6.47
CA GLN A 224 -5.99 -24.05 5.74
C GLN A 224 -5.49 -23.43 4.44
N LYS A 225 -6.29 -22.54 3.84
CA LYS A 225 -5.83 -21.84 2.64
C LYS A 225 -4.68 -20.90 2.96
N TYR A 226 -4.77 -20.18 4.06
CA TYR A 226 -3.65 -19.32 4.47
C TYR A 226 -2.42 -20.14 4.82
N GLU A 227 -2.60 -21.38 5.27
CA GLU A 227 -1.47 -22.24 5.58
C GLU A 227 -0.81 -22.78 4.31
N LYS A 228 -1.61 -23.18 3.32
CA LYS A 228 -1.03 -23.65 2.06
C LYS A 228 -0.27 -22.53 1.36
N ILE A 229 -0.78 -21.31 1.44
CA ILE A 229 -0.08 -20.17 0.86
C ILE A 229 1.26 -19.94 1.57
N GLY A 230 1.23 -19.89 2.90
CA GLY A 230 2.46 -19.74 3.66
C GLY A 230 3.44 -20.88 3.44
N ASP A 231 2.93 -22.10 3.25
CA ASP A 231 3.80 -23.24 2.98
C ASP A 231 4.52 -23.08 1.64
N LYS A 232 3.81 -22.59 0.61
CA LYS A 232 4.44 -22.36 -0.68
C LYS A 232 5.50 -21.28 -0.59
N LYS A 233 5.28 -20.26 0.24
CA LYS A 233 6.26 -19.19 0.40
C LYS A 233 7.56 -19.73 0.98
N ARG A 234 7.48 -20.61 1.98
CA ARG A 234 8.68 -21.22 2.55
C ARG A 234 9.26 -22.31 1.66
N THR A 235 8.50 -22.78 0.67
CA THR A 235 8.98 -23.80 -0.25
C THR A 235 9.60 -23.22 -1.51
N THR A 236 9.23 -21.99 -1.89
CA THR A 236 9.70 -21.38 -3.11
C THR A 236 10.89 -20.48 -2.81
N PRO A 237 12.10 -20.83 -3.26
CA PRO A 237 13.24 -19.93 -3.06
C PRO A 237 13.06 -18.62 -3.81
N ALA A 238 13.77 -17.59 -3.34
CA ALA A 238 13.69 -16.28 -3.98
C ALA A 238 14.25 -16.32 -5.40
N VAL A 239 15.26 -17.17 -5.65
CA VAL A 239 15.79 -17.28 -7.00
C VAL A 239 14.77 -17.93 -7.92
N THR A 240 13.97 -18.86 -7.39
CA THR A 240 12.90 -19.45 -8.19
C THR A 240 11.85 -18.39 -8.56
N LEU A 241 11.52 -17.50 -7.62
CA LEU A 241 10.63 -16.39 -7.95
C LEU A 241 11.24 -15.46 -8.98
N CYS A 242 12.57 -15.30 -8.94
CA CYS A 242 13.29 -14.37 -9.77
C CYS A 242 13.73 -14.97 -11.10
N ASP A 243 13.05 -16.03 -11.55
CA ASP A 243 13.41 -16.69 -12.80
C ASP A 243 13.21 -15.75 -13.98
N GLY A 244 14.28 -15.50 -14.72
CA GLY A 244 14.21 -14.57 -15.82
C GLY A 244 14.05 -13.11 -15.42
N LEU A 245 14.28 -12.78 -14.16
CA LEU A 245 14.16 -11.42 -13.65
C LEU A 245 15.49 -10.98 -13.06
N PRO A 246 15.73 -9.67 -12.95
CA PRO A 246 16.97 -9.19 -12.32
C PRO A 246 17.08 -9.69 -10.89
N GLN A 247 18.20 -10.35 -10.59
CA GLN A 247 18.36 -11.04 -9.31
C GLN A 247 18.41 -10.09 -8.12
N GLN A 248 18.50 -8.78 -8.34
CA GLN A 248 18.40 -7.85 -7.23
C GLN A 248 17.06 -7.93 -6.51
N PHE A 249 16.01 -8.40 -7.20
CA PHE A 249 14.72 -8.53 -6.53
C PHE A 249 14.69 -9.74 -5.61
N ALA A 250 15.36 -10.82 -6.00
CA ALA A 250 15.51 -11.96 -5.10
C ALA A 250 16.47 -11.62 -3.96
N GLU A 251 17.53 -10.88 -4.27
CA GLU A 251 18.45 -10.43 -3.24
C GLU A 251 17.75 -9.53 -2.24
N TYR A 252 16.81 -8.71 -2.71
CA TYR A 252 16.04 -7.88 -1.80
C TYR A 252 15.16 -8.72 -0.87
N LEU A 253 14.43 -9.70 -1.43
CA LEU A 253 13.50 -10.47 -0.61
C LEU A 253 14.23 -11.31 0.41
N ASP A 254 15.35 -11.94 0.03
CA ASP A 254 16.12 -12.72 1.00
C ASP A 254 16.70 -11.84 2.09
N SER A 255 17.07 -10.60 1.77
CA SER A 255 17.62 -9.71 2.78
C SER A 255 16.58 -9.33 3.82
N VAL A 256 15.40 -8.88 3.36
CA VAL A 256 14.36 -8.46 4.29
C VAL A 256 13.79 -9.62 5.08
N ARG A 257 13.84 -10.84 4.52
CA ARG A 257 13.42 -12.02 5.28
C ARG A 257 14.43 -12.40 6.36
N SER A 258 15.67 -11.93 6.26
CA SER A 258 16.71 -12.26 7.23
C SER A 258 16.89 -11.19 8.28
N LEU A 259 16.13 -10.10 8.23
CA LEU A 259 16.26 -9.04 9.20
C LEU A 259 15.79 -9.51 10.58
N PRO A 260 16.48 -9.14 11.65
CA PRO A 260 15.98 -9.40 13.01
C PRO A 260 14.66 -8.67 13.26
N PHE A 261 14.04 -9.04 14.38
CA PHE A 261 12.70 -8.54 14.71
C PHE A 261 12.72 -7.04 14.96
N ASP A 262 13.66 -6.55 15.77
CA ASP A 262 13.69 -5.15 16.15
C ASP A 262 14.70 -4.34 15.33
N ALA A 263 15.22 -4.90 14.25
CA ALA A 263 16.27 -4.24 13.50
C ALA A 263 15.71 -3.14 12.60
N GLU A 264 16.48 -2.08 12.44
CA GLU A 264 16.10 -1.01 11.51
C GLU A 264 16.58 -1.39 10.12
N PRO A 265 15.68 -1.55 9.14
CA PRO A 265 16.11 -2.04 7.82
C PRO A 265 16.93 -0.99 7.11
N PRO A 266 17.88 -1.39 6.25
CA PRO A 266 18.64 -0.42 5.47
C PRO A 266 17.86 0.05 4.25
N TYR A 267 17.00 1.05 4.44
CA TYR A 267 16.11 1.48 3.36
C TYR A 267 16.90 1.98 2.16
N GLU A 268 17.85 2.88 2.38
CA GLU A 268 18.58 3.46 1.25
C GLU A 268 19.42 2.41 0.53
N GLU A 269 19.91 1.41 1.26
CA GLU A 269 20.63 0.31 0.63
C GLU A 269 19.72 -0.48 -0.30
N TYR A 270 18.48 -0.73 0.13
CA TYR A 270 17.53 -1.45 -0.71
C TYR A 270 17.17 -0.65 -1.94
N ARG A 271 17.00 0.67 -1.78
CA ARG A 271 16.73 1.53 -2.94
C ARG A 271 17.89 1.52 -3.91
N MET A 272 19.12 1.55 -3.39
CA MET A 272 20.30 1.49 -4.24
C MET A 272 20.45 0.11 -4.89
N LEU A 273 19.97 -0.95 -4.21
CA LEU A 273 20.01 -2.28 -4.80
C LEU A 273 19.08 -2.38 -5.99
N LEU A 274 17.86 -1.84 -5.87
CA LEU A 274 16.92 -1.89 -6.98
C LEU A 274 17.28 -0.92 -8.09
N LEU A 275 17.88 0.24 -7.76
CA LEU A 275 18.31 1.17 -8.78
C LEU A 275 19.40 0.57 -9.66
N SER A 276 20.27 -0.27 -9.09
CA SER A 276 21.31 -0.91 -9.90
C SER A 276 20.73 -1.77 -11.01
N VAL A 277 19.47 -2.20 -10.89
CA VAL A 277 18.84 -2.93 -11.97
C VAL A 277 18.80 -2.09 -13.24
N LEU A 278 18.48 -0.80 -13.09
CA LEU A 278 18.40 0.08 -14.26
C LEU A 278 19.78 0.33 -14.87
N ASP A 279 20.84 0.25 -14.05
CA ASP A 279 22.18 0.38 -14.60
C ASP A 279 22.58 -0.85 -15.41
N ASP A 280 22.24 -2.04 -14.91
CA ASP A 280 22.55 -3.27 -15.62
C ASP A 280 21.80 -3.36 -16.95
N LEU A 281 20.61 -2.77 -17.03
CA LEU A 281 19.77 -2.82 -18.23
C LEU A 281 19.89 -1.58 -19.10
N GLY A 282 20.76 -0.63 -18.73
CA GLY A 282 20.92 0.57 -19.53
C GLY A 282 19.73 1.49 -19.56
N GLN A 283 18.91 1.47 -18.52
CA GLN A 283 17.72 2.30 -18.43
C GLN A 283 17.95 3.46 -17.48
N ALA A 284 17.16 4.52 -17.67
CA ALA A 284 17.25 5.71 -16.83
C ALA A 284 16.05 5.78 -15.91
N CYS A 285 16.25 6.39 -14.75
CA CYS A 285 15.18 6.58 -13.77
C CYS A 285 14.58 7.98 -13.97
N ASP A 286 13.84 8.12 -15.07
CA ASP A 286 13.28 9.40 -15.45
C ASP A 286 11.84 9.59 -15.00
N GLY A 287 11.20 8.55 -14.46
CA GLY A 287 9.83 8.63 -14.03
C GLY A 287 8.79 8.22 -15.05
N ASP A 288 9.20 7.56 -16.13
CA ASP A 288 8.27 7.13 -17.18
C ASP A 288 7.70 5.77 -16.81
N MET A 289 6.38 5.70 -16.64
CA MET A 289 5.70 4.49 -16.21
C MET A 289 4.91 3.88 -17.36
N ASP A 290 4.58 2.59 -17.20
CA ASP A 290 3.86 1.88 -18.24
C ASP A 290 2.48 2.48 -18.48
N TRP A 291 1.78 2.86 -17.42
CA TRP A 291 0.42 3.33 -17.60
C TRP A 291 0.35 4.69 -18.28
N MET A 292 1.48 5.40 -18.41
CA MET A 292 1.50 6.67 -19.11
C MET A 292 1.35 6.52 -20.62
N HIS A 293 1.56 5.32 -21.14
CA HIS A 293 1.39 5.05 -22.57
C HIS A 293 0.02 4.47 -22.90
N LEU A 294 -0.86 4.31 -21.92
CA LEU A 294 -2.18 3.76 -22.18
C LEU A 294 -2.96 4.66 -23.12
N ASN A 295 -3.85 4.03 -23.90
CA ASN A 295 -4.79 4.73 -24.77
C ASN A 295 -4.08 5.71 -25.71
N GLY A 296 -3.21 5.15 -26.55
CA GLY A 296 -2.51 5.93 -27.55
C GLY A 296 -1.61 7.03 -26.99
N GLY A 297 -1.39 7.02 -25.68
CA GLY A 297 -0.62 8.06 -25.02
C GLY A 297 -1.43 8.95 -24.10
N ARG A 298 -2.76 8.94 -24.17
CA ARG A 298 -3.57 9.72 -23.25
C ARG A 298 -3.35 9.29 -21.80
N GLY A 299 -3.15 7.99 -21.58
CA GLY A 299 -3.18 7.42 -20.24
C GLY A 299 -4.49 6.74 -19.96
N TRP A 300 -4.69 6.39 -18.69
CA TRP A 300 -5.90 5.71 -18.27
C TRP A 300 -7.11 6.62 -18.39
N ASP A 301 -8.24 6.05 -18.80
CA ASP A 301 -9.50 6.79 -18.89
C ASP A 301 -10.61 5.94 -18.28
N ALA A 302 -11.78 6.55 -18.12
CA ALA A 302 -12.84 5.94 -17.33
C ALA A 302 -13.63 4.90 -18.13
N THR A 303 -14.04 5.24 -19.35
CA THR A 303 -14.98 4.40 -20.08
C THR A 303 -14.38 3.06 -20.47
N ILE A 304 -13.12 3.05 -20.88
CA ILE A 304 -12.53 1.85 -21.47
C ILE A 304 -11.88 0.95 -20.42
N ASN A 305 -11.14 1.54 -19.48
CA ASN A 305 -10.28 0.74 -18.61
C ASN A 305 -11.08 -0.04 -17.58
N LYS A 306 -11.79 0.65 -16.70
CA LYS A 306 -12.53 -0.01 -15.64
C LYS A 306 -13.79 -0.68 -16.18
#